data_6XAM
#
_entry.id   6XAM
#
_cell.length_a   55.607
_cell.length_b   56.203
_cell.length_c   56.058
_cell.angle_alpha   90.000
_cell.angle_beta   101.830
_cell.angle_gamma   90.000
#
_symmetry.space_group_name_H-M   'P 1 21 1'
#
loop_
_entity.id
_entity.type
_entity.pdbx_description
1 polymer NzeB
2 non-polymer 'PROTOPORPHYRIN IX CONTAINING FE'
3 non-polymer (3S,6S)-3-ethyl-6-[(1H-indol-3-yl)methyl]piperazine-2,5-dione
4 non-polymer 1,2-ETHANEDIOL
5 water water
#
_entity_poly.entity_id   1
_entity_poly.type   'polypeptide(L)'
_entity_poly.pdbx_seq_one_letter_code
;VTTTATLTYPFHDWSQELSPRYAQLRASDAPVCPVVSEGTGDPLWLVTRYATAVKLLEDSRFSSEAAQASGAPRQEPVEL
RAPGTRGDAIAMLREAGLRSVLADGLGPRAVRRHQGWINDLAETLMSELASREGTFDLAADFVEPLSSALVSRTLLGELS
ADERDLLAHCADTGLRF(CSO)GVTHEEQVHAFTQMHEFFLEHARRLAGTPGEHLLKLIAEAPVDQGPLSDEALAEAGSL
LVVAGFPTSSGFLCGALLTLLRHPDAVQELHAHPERVPSAVEELLRYTPLSTGSVKRMATEDLEIDGVRIKAGEVVMVSL
EAVNHDPDAFEDPDVFRPGREGPMHFGFGRGRHFCPGNRLARCVIEATVRAVARRPGLRLAVAPEEISWHEGLFFRRPRA
IPATW
;
_entity_poly.pdbx_strand_id   A
#
# COMPACT_ATOMS: atom_id res chain seq x y z
N THR A 4 -16.51 -17.20 17.91
CA THR A 4 -17.86 -16.92 18.36
C THR A 4 -18.74 -16.41 17.21
N ALA A 5 -19.93 -15.90 17.54
CA ALA A 5 -20.82 -15.40 16.51
C ALA A 5 -20.44 -14.02 16.01
N THR A 6 -19.46 -13.37 16.63
CA THR A 6 -18.92 -12.13 16.08
C THR A 6 -17.77 -12.49 15.16
N LEU A 7 -17.79 -11.95 13.94
CA LEU A 7 -16.74 -12.23 12.97
C LEU A 7 -15.39 -11.78 13.52
N THR A 8 -14.37 -12.63 13.34
CA THR A 8 -13.00 -12.25 13.60
C THR A 8 -12.38 -11.67 12.32
N TYR A 9 -11.50 -10.71 12.52
CA TYR A 9 -10.93 -9.94 11.43
C TYR A 9 -9.41 -9.98 11.54
N PRO A 10 -8.68 -10.12 10.40
CA PRO A 10 -9.11 -10.10 9.00
C PRO A 10 -9.59 -11.45 8.49
N PHE A 11 -9.82 -11.55 7.18
CA PHE A 11 -10.52 -12.70 6.61
C PHE A 11 -9.60 -13.68 5.89
N HIS A 12 -8.29 -13.54 6.03
CA HIS A 12 -7.33 -14.55 5.58
C HIS A 12 -7.31 -14.71 4.07
N ASP A 13 -7.72 -13.67 3.35
CA ASP A 13 -7.74 -13.71 1.89
C ASP A 13 -6.40 -13.20 1.35
N TRP A 14 -5.38 -14.06 1.45
CA TRP A 14 -4.00 -13.64 1.16
C TRP A 14 -3.66 -13.58 -0.32
N SER A 15 -4.49 -14.16 -1.20
CA SER A 15 -4.28 -14.13 -2.65
C SER A 15 -5.11 -13.01 -3.27
N GLN A 16 -5.22 -12.99 -4.61
CA GLN A 16 -6.09 -11.96 -5.19
C GLN A 16 -7.57 -12.30 -5.08
N GLU A 17 -7.93 -13.49 -4.62
CA GLU A 17 -9.33 -13.85 -4.44
C GLU A 17 -9.80 -13.20 -3.15
N LEU A 18 -10.60 -12.14 -3.26
CA LEU A 18 -11.11 -11.44 -2.09
C LEU A 18 -12.05 -12.32 -1.29
N SER A 19 -11.99 -12.22 0.03
CA SER A 19 -12.87 -13.03 0.85
C SER A 19 -14.32 -12.78 0.46
N PRO A 20 -15.11 -13.83 0.21
CA PRO A 20 -16.54 -13.62 -0.09
C PRO A 20 -17.30 -12.95 1.03
N ARG A 21 -16.73 -12.91 2.24
CA ARG A 21 -17.40 -12.28 3.36
C ARG A 21 -17.63 -10.78 3.14
N TYR A 22 -16.74 -10.11 2.40
CA TYR A 22 -16.91 -8.68 2.21
C TYR A 22 -18.19 -8.36 1.45
N ALA A 23 -18.47 -9.10 0.38
CA ALA A 23 -19.70 -8.87 -0.38
C ALA A 23 -20.94 -9.20 0.45
N GLN A 24 -20.86 -10.24 1.29
CA GLN A 24 -21.99 -10.59 2.15
C GLN A 24 -22.30 -9.49 3.15
N LEU A 25 -21.26 -8.90 3.75
CA LEU A 25 -21.47 -7.79 4.67
C LEU A 25 -21.99 -6.56 3.94
N ARG A 26 -21.50 -6.32 2.72
CA ARG A 26 -21.96 -5.17 1.92
C ARG A 26 -23.46 -5.25 1.68
N ALA A 27 -23.98 -6.47 1.45
CA ALA A 27 -25.38 -6.68 1.12
C ALA A 27 -26.27 -6.84 2.36
N SER A 28 -25.69 -6.81 3.56
CA SER A 28 -26.47 -7.01 4.77
C SER A 28 -27.25 -5.74 5.12
N ASP A 29 -28.08 -5.82 6.15
CA ASP A 29 -28.87 -4.66 6.55
C ASP A 29 -28.10 -3.66 7.39
N ALA A 30 -26.87 -3.95 7.73
CA ALA A 30 -26.10 -3.03 8.54
C ALA A 30 -25.12 -2.29 7.65
N PRO A 31 -25.04 -0.95 7.74
CA PRO A 31 -23.98 -0.23 7.04
C PRO A 31 -22.66 -0.26 7.77
N VAL A 32 -22.64 -0.67 9.03
CA VAL A 32 -21.44 -0.82 9.83
C VAL A 32 -21.61 -2.11 10.63
N CYS A 33 -20.64 -3.01 10.52
CA CYS A 33 -20.77 -4.32 11.15
CA CYS A 33 -20.78 -4.31 11.14
C CYS A 33 -19.75 -4.48 12.27
N PRO A 34 -20.17 -4.91 13.46
CA PRO A 34 -19.21 -5.17 14.53
C PRO A 34 -18.41 -6.43 14.25
N VAL A 35 -17.10 -6.35 14.42
CA VAL A 35 -16.20 -7.48 14.29
C VAL A 35 -15.27 -7.47 15.49
N VAL A 36 -14.40 -8.48 15.57
CA VAL A 36 -13.40 -8.54 16.63
C VAL A 36 -12.06 -8.90 16.03
N SER A 37 -11.01 -8.22 16.49
CA SER A 37 -9.66 -8.45 15.99
C SER A 37 -9.19 -9.84 16.38
N GLU A 38 -8.74 -10.62 15.39
CA GLU A 38 -8.23 -11.94 15.71
C GLU A 38 -6.95 -11.87 16.53
N GLY A 39 -6.11 -10.86 16.29
CA GLY A 39 -4.81 -10.74 16.91
C GLY A 39 -4.80 -10.16 18.31
N THR A 40 -5.80 -9.32 18.65
CA THR A 40 -5.88 -8.67 19.94
C THR A 40 -7.18 -8.93 20.71
N GLY A 41 -8.23 -9.39 20.04
CA GLY A 41 -9.53 -9.49 20.66
C GLY A 41 -10.28 -8.18 20.80
N ASP A 42 -9.76 -7.10 20.23
CA ASP A 42 -10.40 -5.81 20.36
C ASP A 42 -11.66 -5.76 19.50
N PRO A 43 -12.74 -5.15 19.99
CA PRO A 43 -13.91 -4.92 19.14
C PRO A 43 -13.61 -3.85 18.11
N LEU A 44 -14.17 -4.02 16.92
CA LEU A 44 -14.00 -3.10 15.82
C LEU A 44 -15.29 -3.04 15.02
N TRP A 45 -15.45 -1.95 14.28
CA TRP A 45 -16.54 -1.81 13.33
C TRP A 45 -15.95 -1.90 11.92
N LEU A 46 -16.71 -2.46 10.99
CA LEU A 46 -16.25 -2.66 9.62
C LEU A 46 -17.26 -2.13 8.60
N VAL A 47 -16.78 -1.27 7.70
CA VAL A 47 -17.57 -0.73 6.60
C VAL A 47 -17.09 -1.36 5.29
N THR A 48 -18.05 -1.69 4.42
CA THR A 48 -17.76 -2.31 3.15
C THR A 48 -18.45 -1.64 1.98
N ARG A 49 -19.35 -0.68 2.22
CA ARG A 49 -20.07 0.02 1.16
C ARG A 49 -19.38 1.33 0.81
N TYR A 50 -19.28 1.61 -0.50
CA TYR A 50 -18.69 2.85 -0.97
C TYR A 50 -19.34 4.07 -0.33
N ALA A 51 -20.68 4.13 -0.33
CA ALA A 51 -21.34 5.35 0.13
C ALA A 51 -21.08 5.62 1.60
N THR A 52 -21.05 4.56 2.41
CA THR A 52 -20.75 4.75 3.83
C THR A 52 -19.29 5.10 4.04
N ALA A 53 -18.40 4.48 3.27
CA ALA A 53 -16.98 4.76 3.36
C ALA A 53 -16.66 6.22 3.05
N VAL A 54 -17.36 6.81 2.07
CA VAL A 54 -17.16 8.23 1.78
C VAL A 54 -17.50 9.06 3.00
N LYS A 55 -18.66 8.79 3.62
CA LYS A 55 -19.06 9.50 4.83
C LYS A 55 -18.03 9.35 5.93
N LEU A 56 -17.51 8.14 6.12
CA LEU A 56 -16.56 7.91 7.20
C LEU A 56 -15.26 8.66 6.98
N LEU A 57 -14.68 8.54 5.78
CA LEU A 57 -13.35 9.09 5.55
C LEU A 57 -13.36 10.58 5.28
N GLU A 58 -14.53 11.20 5.15
CA GLU A 58 -14.65 12.64 5.02
C GLU A 58 -15.19 13.31 6.28
N ASP A 59 -15.46 12.53 7.32
CA ASP A 59 -16.02 13.04 8.57
C ASP A 59 -14.89 13.48 9.48
N SER A 60 -14.88 14.76 9.84
CA SER A 60 -13.83 15.29 10.71
C SER A 60 -13.90 14.74 12.14
N ARG A 61 -15.00 14.10 12.53
CA ARG A 61 -15.07 13.48 13.85
C ARG A 61 -14.39 12.12 13.92
N PHE A 62 -13.81 11.64 12.82
CA PHE A 62 -13.08 10.38 12.79
C PHE A 62 -11.60 10.71 12.60
N SER A 63 -10.77 10.27 13.54
CA SER A 63 -9.36 10.62 13.56
C SER A 63 -8.52 9.41 13.19
N SER A 64 -7.68 9.57 12.18
CA SER A 64 -6.77 8.47 11.86
C SER A 64 -5.71 8.33 12.93
N GLU A 65 -5.13 9.46 13.35
CA GLU A 65 -4.04 9.44 14.31
C GLU A 65 -4.47 8.81 15.64
N ALA A 66 -5.70 9.09 16.07
CA ALA A 66 -6.18 8.50 17.32
C ALA A 66 -6.30 6.98 17.21
N ALA A 67 -6.59 6.46 16.02
CA ALA A 67 -6.65 5.01 15.83
C ALA A 67 -5.26 4.38 15.78
N GLN A 68 -4.21 5.18 15.58
CA GLN A 68 -2.84 4.70 15.57
C GLN A 68 -2.20 4.72 16.95
N ALA A 69 -2.89 5.26 17.96
CA ALA A 69 -2.26 5.46 19.25
C ALA A 69 -2.16 4.15 20.04
N SER A 70 -1.19 4.10 20.96
CA SER A 70 -1.04 2.92 21.79
CA SER A 70 -1.03 2.93 21.81
C SER A 70 -2.30 2.70 22.63
N GLY A 71 -2.72 1.45 22.71
CA GLY A 71 -3.91 1.09 23.45
C GLY A 71 -5.20 1.20 22.68
N ALA A 72 -5.20 1.88 21.53
CA ALA A 72 -6.39 1.94 20.71
C ALA A 72 -6.78 0.53 20.28
N PRO A 73 -8.08 0.25 20.17
CA PRO A 73 -8.49 -1.01 19.55
C PRO A 73 -7.91 -1.08 18.13
N ARG A 74 -7.33 -2.22 17.79
CA ARG A 74 -6.56 -2.34 16.57
C ARG A 74 -6.73 -3.71 15.96
N GLN A 75 -6.52 -3.79 14.65
CA GLN A 75 -6.58 -5.07 13.96
C GLN A 75 -5.25 -5.81 13.94
N GLU A 76 -4.13 -5.07 14.01
CA GLU A 76 -2.84 -5.70 13.86
C GLU A 76 -2.40 -6.37 15.18
N PRO A 77 -1.72 -7.52 15.08
CA PRO A 77 -1.41 -8.25 16.33
C PRO A 77 -0.44 -7.53 17.23
N VAL A 78 0.59 -6.89 16.68
CA VAL A 78 1.55 -6.13 17.47
C VAL A 78 1.50 -4.67 17.04
N GLU A 79 1.62 -3.76 18.02
CA GLU A 79 1.69 -2.34 17.72
C GLU A 79 2.80 -2.06 16.70
N LEU A 80 2.49 -1.20 15.73
CA LEU A 80 3.42 -0.97 14.63
C LEU A 80 4.48 0.07 14.95
N ARG A 81 4.93 0.10 16.19
CA ARG A 81 5.98 0.99 16.63
C ARG A 81 6.95 0.19 17.49
N ALA A 82 8.18 0.66 17.56
CA ALA A 82 9.09 0.15 18.57
C ALA A 82 8.53 0.47 19.95
N PRO A 83 8.57 -0.47 20.89
CA PRO A 83 7.99 -0.21 22.21
C PRO A 83 8.69 0.96 22.89
N GLY A 84 7.88 1.83 23.49
CA GLY A 84 8.43 3.01 24.15
C GLY A 84 8.67 4.20 23.25
N THR A 85 8.27 4.14 21.98
CA THR A 85 8.41 5.27 21.07
C THR A 85 7.03 5.78 20.69
N ARG A 86 7.00 7.02 20.19
CA ARG A 86 5.74 7.65 19.85
C ARG A 86 4.98 6.86 18.79
N GLY A 87 5.66 6.48 17.71
CA GLY A 87 4.96 5.96 16.54
C GLY A 87 3.97 7.00 16.06
N ASP A 88 4.49 8.16 15.66
CA ASP A 88 3.69 9.35 15.40
C ASP A 88 4.43 10.23 14.39
N ALA A 89 4.90 9.62 13.29
CA ALA A 89 5.90 10.26 12.45
C ALA A 89 5.37 11.54 11.79
N ILE A 90 4.16 11.48 11.22
CA ILE A 90 3.62 12.65 10.53
C ILE A 90 3.47 13.83 11.49
N ALA A 91 2.99 13.58 12.71
CA ALA A 91 2.85 14.65 13.69
C ALA A 91 4.20 15.20 14.13
N MET A 92 5.21 14.32 14.27
CA MET A 92 6.55 14.77 14.63
C MET A 92 7.16 15.63 13.53
N LEU A 93 6.83 15.37 12.27
CA LEU A 93 7.27 16.27 11.20
C LEU A 93 6.53 17.60 11.29
N ARG A 94 5.22 17.55 11.54
CA ARG A 94 4.45 18.78 11.70
C ARG A 94 4.98 19.62 12.85
N GLU A 95 5.42 18.97 13.94
CA GLU A 95 5.90 19.68 15.11
C GLU A 95 7.16 20.48 14.82
N ALA A 96 8.02 19.98 13.93
CA ALA A 96 9.26 20.65 13.57
C ALA A 96 9.07 21.77 12.55
N GLY A 97 7.83 22.09 12.19
CA GLY A 97 7.58 23.06 11.14
C GLY A 97 7.64 22.51 9.73
N LEU A 98 7.75 21.18 9.58
CA LEU A 98 7.77 20.54 8.27
C LEU A 98 6.33 20.30 7.81
N ARG A 99 5.69 21.41 7.43
CA ARG A 99 4.27 21.46 7.07
C ARG A 99 3.84 20.28 6.19
N SER A 100 4.31 20.23 4.96
CA SER A 100 3.88 19.21 4.02
C SER A 100 5.07 18.61 3.29
N VAL A 101 6.19 18.43 3.99
CA VAL A 101 7.39 17.89 3.35
C VAL A 101 7.09 16.56 2.64
N LEU A 102 6.20 15.74 3.19
CA LEU A 102 5.88 14.47 2.56
C LEU A 102 5.24 14.68 1.19
N ALA A 103 4.09 15.34 1.17
CA ALA A 103 3.41 15.61 -0.10
C ALA A 103 4.28 16.46 -1.02
N ASP A 104 5.03 17.41 -0.45
CA ASP A 104 5.90 18.26 -1.26
C ASP A 104 6.89 17.42 -2.04
N GLY A 105 7.67 16.58 -1.35
CA GLY A 105 8.69 15.77 -2.00
C GLY A 105 8.18 14.58 -2.77
N LEU A 106 6.86 14.38 -2.84
CA LEU A 106 6.27 13.28 -3.58
C LEU A 106 5.26 13.75 -4.62
N GLY A 107 5.12 15.07 -4.82
CA GLY A 107 4.09 15.60 -5.67
C GLY A 107 4.48 15.69 -7.13
N PRO A 108 3.79 16.53 -7.89
CA PRO A 108 4.00 16.55 -9.35
C PRO A 108 5.41 16.92 -9.78
N ARG A 109 6.04 17.87 -9.10
CA ARG A 109 7.41 18.24 -9.46
C ARG A 109 8.37 17.05 -9.28
N ALA A 110 8.14 16.23 -8.24
CA ALA A 110 8.99 15.06 -8.01
C ALA A 110 8.79 14.00 -9.10
N VAL A 111 7.55 13.81 -9.55
CA VAL A 111 7.31 12.95 -10.70
C VAL A 111 8.06 13.47 -11.92
N ARG A 112 8.04 14.77 -12.14
CA ARG A 112 8.74 15.28 -13.31
C ARG A 112 10.25 15.10 -13.21
N ARG A 113 10.80 15.03 -12.00
CA ARG A 113 12.23 14.74 -11.85
C ARG A 113 12.52 13.27 -12.11
N HIS A 114 11.69 12.38 -11.58
CA HIS A 114 12.04 10.96 -11.55
C HIS A 114 11.41 10.13 -12.66
N GLN A 115 10.38 10.63 -13.35
CA GLN A 115 9.68 9.76 -14.30
C GLN A 115 10.60 9.27 -15.41
N GLY A 116 11.57 10.08 -15.82
CA GLY A 116 12.52 9.69 -16.86
C GLY A 116 13.28 8.42 -16.53
N TRP A 117 14.00 8.40 -15.41
CA TRP A 117 14.75 7.19 -15.07
C TRP A 117 13.84 6.04 -14.69
N ILE A 118 12.67 6.33 -14.12
CA ILE A 118 11.72 5.26 -13.80
C ILE A 118 11.32 4.52 -15.07
N ASN A 119 10.99 5.26 -16.12
CA ASN A 119 10.65 4.63 -17.38
C ASN A 119 11.86 3.98 -18.05
N ASP A 120 13.03 4.62 -17.96
CA ASP A 120 14.26 3.99 -18.44
C ASP A 120 14.47 2.62 -17.80
N LEU A 121 14.32 2.55 -16.48
CA LEU A 121 14.61 1.33 -15.74
C LEU A 121 13.59 0.25 -16.03
N ALA A 122 12.30 0.63 -16.11
CA ALA A 122 11.30 -0.34 -16.49
C ALA A 122 11.61 -0.92 -17.86
N GLU A 123 12.07 -0.08 -18.79
CA GLU A 123 12.40 -0.56 -20.10
C GLU A 123 13.65 -1.43 -20.08
N THR A 124 14.67 -1.02 -19.32
CA THR A 124 15.89 -1.82 -19.22
C THR A 124 15.58 -3.20 -18.66
N LEU A 125 14.76 -3.25 -17.61
CA LEU A 125 14.41 -4.52 -16.99
C LEU A 125 13.61 -5.40 -17.94
N MET A 126 12.63 -4.81 -18.63
CA MET A 126 11.81 -5.63 -19.53
C MET A 126 12.59 -6.06 -20.75
N SER A 127 13.51 -5.22 -21.23
CA SER A 127 14.32 -5.61 -22.38
C SER A 127 15.23 -6.78 -22.04
N GLU A 128 15.75 -6.81 -20.81
CA GLU A 128 16.53 -7.97 -20.36
C GLU A 128 15.66 -9.21 -20.30
N LEU A 129 14.42 -9.08 -19.82
CA LEU A 129 13.51 -10.23 -19.81
C LEU A 129 13.17 -10.71 -21.22
N ALA A 130 13.09 -9.80 -22.18
CA ALA A 130 12.77 -10.15 -23.56
C ALA A 130 13.85 -10.99 -24.21
N SER A 131 15.03 -11.07 -23.60
CA SER A 131 16.13 -11.90 -24.08
C SER A 131 16.23 -13.23 -23.34
N ARG A 132 15.29 -13.53 -22.45
CA ARG A 132 15.37 -14.72 -21.62
C ARG A 132 14.73 -15.91 -22.31
N GLU A 133 15.23 -17.09 -21.96
CA GLU A 133 14.69 -18.36 -22.43
C GLU A 133 13.73 -18.89 -21.38
N GLY A 134 12.62 -19.47 -21.84
CA GLY A 134 11.80 -20.26 -20.95
C GLY A 134 11.07 -19.37 -19.95
N THR A 135 11.04 -19.84 -18.71
CA THR A 135 10.28 -19.16 -17.65
C THR A 135 11.20 -18.20 -16.92
N PHE A 136 10.69 -16.99 -16.67
CA PHE A 136 11.37 -15.99 -15.86
C PHE A 136 10.39 -15.45 -14.82
N ASP A 137 10.94 -14.79 -13.81
CA ASP A 137 10.18 -14.37 -12.63
C ASP A 137 10.02 -12.86 -12.64
N LEU A 138 8.80 -12.38 -12.88
CA LEU A 138 8.56 -10.94 -12.93
C LEU A 138 8.65 -10.29 -11.56
N ALA A 139 8.43 -11.04 -10.47
CA ALA A 139 8.57 -10.48 -9.13
C ALA A 139 10.05 -10.23 -8.82
N ALA A 140 10.89 -11.27 -8.96
CA ALA A 140 12.30 -11.12 -8.62
C ALA A 140 13.05 -10.23 -9.61
N ASP A 141 12.73 -10.31 -10.90
CA ASP A 141 13.57 -9.70 -11.92
C ASP A 141 12.96 -8.48 -12.59
N PHE A 142 11.79 -8.04 -12.13
CA PHE A 142 11.24 -6.75 -12.57
C PHE A 142 10.82 -5.95 -11.35
N VAL A 143 9.90 -6.48 -10.54
CA VAL A 143 9.33 -5.66 -9.47
C VAL A 143 10.40 -5.35 -8.42
N GLU A 144 11.19 -6.34 -8.04
CA GLU A 144 12.18 -6.12 -6.99
C GLU A 144 13.21 -5.05 -7.36
N PRO A 145 13.86 -5.09 -8.53
CA PRO A 145 14.80 -4.00 -8.83
C PRO A 145 14.13 -2.66 -9.03
N LEU A 146 12.94 -2.62 -9.61
CA LEU A 146 12.28 -1.34 -9.84
C LEU A 146 11.88 -0.70 -8.52
N SER A 147 11.27 -1.48 -7.62
CA SER A 147 10.87 -0.93 -6.34
C SER A 147 12.07 -0.59 -5.46
N SER A 148 13.13 -1.40 -5.52
CA SER A 148 14.37 -1.09 -4.81
C SER A 148 14.96 0.25 -5.26
N ALA A 149 15.01 0.48 -6.58
CA ALA A 149 15.50 1.77 -7.07
C ALA A 149 14.57 2.91 -6.63
N LEU A 150 13.25 2.66 -6.64
CA LEU A 150 12.31 3.68 -6.18
C LEU A 150 12.62 4.09 -4.74
N VAL A 151 12.81 3.13 -3.85
CA VAL A 151 13.00 3.48 -2.44
C VAL A 151 14.34 4.18 -2.23
N SER A 152 15.39 3.74 -2.91
CA SER A 152 16.69 4.39 -2.78
C SER A 152 16.66 5.80 -3.35
N ARG A 153 16.18 5.94 -4.59
CA ARG A 153 16.31 7.21 -5.29
C ARG A 153 15.31 8.26 -4.81
N THR A 154 14.11 7.84 -4.41
CA THR A 154 13.10 8.82 -4.02
C THR A 154 12.82 8.91 -2.53
N LEU A 155 13.12 7.89 -1.74
CA LEU A 155 12.72 7.90 -0.34
C LEU A 155 13.90 8.02 0.62
N LEU A 156 14.86 7.09 0.57
CA LEU A 156 15.84 6.95 1.64
C LEU A 156 17.24 7.44 1.28
N GLY A 157 17.63 7.39 0.02
CA GLY A 157 19.01 7.55 -0.37
C GLY A 157 19.63 6.23 -0.79
N GLU A 158 20.78 6.33 -1.48
CA GLU A 158 21.48 5.16 -2.01
C GLU A 158 21.76 4.12 -0.92
N LEU A 159 21.09 2.97 -0.99
CA LEU A 159 21.25 1.91 -0.01
C LEU A 159 22.21 0.85 -0.53
N SER A 160 22.91 0.21 0.39
CA SER A 160 23.63 -1.01 0.05
C SER A 160 22.62 -2.12 -0.21
N ALA A 161 23.07 -3.11 -0.99
CA ALA A 161 22.24 -4.30 -1.18
C ALA A 161 21.88 -4.93 0.16
N ASP A 162 22.84 -4.99 1.09
CA ASP A 162 22.54 -5.53 2.41
C ASP A 162 21.56 -4.65 3.17
N GLU A 163 21.64 -3.33 2.99
CA GLU A 163 20.69 -2.45 3.65
C GLU A 163 19.29 -2.62 3.07
N ARG A 164 19.19 -2.66 1.73
CA ARG A 164 17.90 -2.89 1.10
C ARG A 164 17.32 -4.24 1.52
N ASP A 165 18.15 -5.28 1.52
CA ASP A 165 17.69 -6.59 1.96
C ASP A 165 17.19 -6.54 3.40
N LEU A 166 17.88 -5.80 4.27
CA LEU A 166 17.48 -5.76 5.67
C LEU A 166 16.15 -5.05 5.87
N LEU A 167 15.99 -3.85 5.28
CA LEU A 167 14.75 -3.12 5.48
C LEU A 167 13.56 -3.88 4.89
N ALA A 168 13.77 -4.52 3.74
CA ALA A 168 12.73 -5.35 3.13
C ALA A 168 12.30 -6.48 4.06
N HIS A 169 13.27 -7.15 4.71
CA HIS A 169 12.93 -8.22 5.64
C HIS A 169 12.18 -7.67 6.84
N CYS A 170 12.57 -6.50 7.34
CA CYS A 170 11.84 -5.91 8.46
C CYS A 170 10.42 -5.58 8.07
N ALA A 171 10.22 -5.08 6.85
CA ALA A 171 8.86 -4.79 6.39
C ALA A 171 8.03 -6.06 6.30
N ASP A 172 8.58 -7.10 5.67
CA ASP A 172 7.84 -8.36 5.51
C ASP A 172 7.60 -9.04 6.85
N THR A 173 8.49 -8.87 7.81
CA THR A 173 8.31 -9.55 9.10
C THR A 173 7.34 -8.81 10.02
N GLY A 174 7.38 -7.48 10.07
CA GLY A 174 6.55 -6.76 11.02
C GLY A 174 5.13 -6.45 10.54
N LEU A 175 4.96 -6.37 9.22
CA LEU A 175 3.68 -5.96 8.63
C LEU A 175 2.89 -7.21 8.23
N ARG A 176 2.46 -7.92 9.27
CA ARG A 176 1.89 -9.25 9.11
C ARG A 176 0.79 -9.44 10.14
N PHE A 177 -0.22 -10.21 9.74
CA PHE A 177 -1.25 -10.64 10.68
C PHE A 177 -0.88 -11.98 11.35
N GLY A 179 2.15 -15.65 10.79
CA GLY A 179 3.23 -16.31 10.07
C GLY A 179 4.61 -16.17 10.66
N VAL A 180 4.71 -15.34 11.70
CA VAL A 180 5.95 -15.14 12.44
C VAL A 180 5.57 -15.00 13.91
N THR A 181 6.56 -15.13 14.77
CA THR A 181 6.27 -15.00 16.20
C THR A 181 6.15 -13.53 16.58
N HIS A 182 5.47 -13.30 17.71
CA HIS A 182 5.45 -11.98 18.36
C HIS A 182 6.85 -11.39 18.43
N GLU A 183 7.82 -12.18 18.89
CA GLU A 183 9.18 -11.67 19.09
C GLU A 183 9.80 -11.26 17.76
N GLU A 184 9.57 -12.05 16.71
CA GLU A 184 10.10 -11.69 15.40
C GLU A 184 9.46 -10.41 14.88
N GLN A 185 8.18 -10.18 15.21
CA GLN A 185 7.48 -8.99 14.74
C GLN A 185 8.01 -7.73 15.42
N VAL A 186 8.14 -7.77 16.74
CA VAL A 186 8.72 -6.63 17.45
C VAL A 186 10.16 -6.39 17.01
N HIS A 187 10.95 -7.47 16.90
CA HIS A 187 12.33 -7.30 16.47
C HIS A 187 12.43 -6.67 15.09
N ALA A 188 11.38 -6.80 14.27
CA ALA A 188 11.36 -6.11 12.98
C ALA A 188 11.27 -4.60 13.18
N PHE A 189 10.34 -4.14 14.03
CA PHE A 189 10.19 -2.72 14.30
C PHE A 189 11.28 -2.19 15.21
N THR A 190 11.86 -3.05 16.05
CA THR A 190 13.04 -2.67 16.80
C THR A 190 14.21 -2.45 15.86
N GLN A 191 14.51 -3.45 15.04
CA GLN A 191 15.68 -3.40 14.16
C GLN A 191 15.57 -2.26 13.15
N MET A 192 14.35 -1.91 12.74
CA MET A 192 14.18 -0.80 11.81
C MET A 192 14.44 0.53 12.51
N HIS A 193 13.88 0.71 13.71
CA HIS A 193 14.07 1.94 14.45
C HIS A 193 15.53 2.09 14.88
N GLU A 194 16.13 1.01 15.40
CA GLU A 194 17.57 1.06 15.68
C GLU A 194 18.37 1.36 14.43
N PHE A 195 17.90 0.86 13.28
CA PHE A 195 18.64 1.08 12.03
C PHE A 195 18.68 2.56 11.67
N PHE A 196 17.55 3.24 11.83
CA PHE A 196 17.50 4.63 11.39
C PHE A 196 18.11 5.58 12.39
N LEU A 197 18.02 5.26 13.69
CA LEU A 197 18.73 6.06 14.70
C LEU A 197 20.21 6.16 14.39
N GLU A 198 20.78 5.15 13.74
CA GLU A 198 22.22 5.14 13.45
C GLU A 198 22.56 5.63 12.05
N HIS A 199 21.72 5.38 11.04
CA HIS A 199 22.11 5.65 9.66
C HIS A 199 21.32 6.76 8.98
N ALA A 200 20.26 7.29 9.59
CA ALA A 200 19.43 8.28 8.92
C ALA A 200 20.22 9.53 8.56
N ARG A 201 21.06 10.02 9.48
CA ARG A 201 21.83 11.23 9.22
C ARG A 201 22.75 11.03 8.01
N ARG A 202 23.45 9.89 7.96
CA ARG A 202 24.33 9.62 6.84
C ARG A 202 23.55 9.49 5.53
N LEU A 203 22.42 8.77 5.56
CA LEU A 203 21.61 8.63 4.35
C LEU A 203 21.07 9.97 3.88
N ALA A 204 20.59 10.80 4.81
CA ALA A 204 20.07 12.11 4.43
C ALA A 204 21.16 13.03 3.90
N GLY A 205 22.42 12.78 4.26
CA GLY A 205 23.50 13.69 3.89
C GLY A 205 24.08 13.46 2.52
N THR A 206 23.80 12.33 1.90
CA THR A 206 24.33 12.05 0.57
C THR A 206 23.61 12.91 -0.47
N PRO A 207 24.27 13.27 -1.56
CA PRO A 207 23.61 14.04 -2.62
C PRO A 207 22.45 13.26 -3.22
N GLY A 208 21.39 13.99 -3.56
CA GLY A 208 20.23 13.40 -4.18
C GLY A 208 18.99 14.20 -3.89
N GLU A 209 17.87 13.66 -4.37
CA GLU A 209 16.57 14.30 -4.20
C GLU A 209 15.66 13.50 -3.27
N HIS A 210 16.23 12.53 -2.55
CA HIS A 210 15.42 11.59 -1.79
C HIS A 210 14.71 12.28 -0.63
N LEU A 211 13.56 11.73 -0.29
CA LEU A 211 12.69 12.38 0.69
C LEU A 211 13.37 12.54 2.04
N LEU A 212 14.18 11.57 2.44
CA LEU A 212 14.81 11.65 3.76
C LEU A 212 15.74 12.85 3.84
N LYS A 213 16.45 13.14 2.75
CA LYS A 213 17.27 14.34 2.70
C LYS A 213 16.42 15.61 2.80
N LEU A 214 15.32 15.68 2.04
CA LEU A 214 14.44 16.84 2.10
C LEU A 214 13.94 17.09 3.51
N ILE A 215 13.52 16.02 4.20
CA ILE A 215 13.05 16.12 5.58
C ILE A 215 14.16 16.67 6.48
N ALA A 216 15.40 16.19 6.29
CA ALA A 216 16.48 16.58 7.19
C ALA A 216 16.97 17.99 6.93
N GLU A 217 16.86 18.47 5.69
CA GLU A 217 17.48 19.73 5.28
C GLU A 217 16.48 20.87 5.16
N ALA A 218 15.33 20.76 5.81
CA ALA A 218 14.29 21.78 5.79
C ALA A 218 14.15 22.43 7.17
N PRO A 219 13.81 23.73 7.24
CA PRO A 219 13.90 24.48 8.50
C PRO A 219 12.98 23.98 9.62
N GLY A 223 14.23 25.21 16.05
CA GLY A 223 14.87 24.05 16.65
C GLY A 223 15.25 23.00 15.62
N PRO A 224 16.40 22.35 15.81
CA PRO A 224 16.86 21.38 14.82
C PRO A 224 16.00 20.12 14.84
N LEU A 225 16.09 19.34 13.77
CA LEU A 225 15.36 18.09 13.67
C LEU A 225 16.04 17.04 14.54
N SER A 226 15.30 16.50 15.53
CA SER A 226 15.87 15.50 16.41
C SER A 226 16.12 14.20 15.64
N ASP A 227 17.07 13.41 16.16
CA ASP A 227 17.37 12.13 15.53
C ASP A 227 16.22 11.15 15.71
N GLU A 228 15.44 11.29 16.77
CA GLU A 228 14.28 10.42 16.94
C GLU A 228 13.24 10.70 15.86
N ALA A 229 13.05 11.97 15.51
CA ALA A 229 12.11 12.31 14.46
C ALA A 229 12.61 11.88 13.09
N LEU A 230 13.90 12.04 12.83
CA LEU A 230 14.46 11.58 11.56
C LEU A 230 14.42 10.06 11.45
N ALA A 231 14.58 9.36 12.59
CA ALA A 231 14.47 7.91 12.58
C ALA A 231 13.01 7.47 12.38
N GLU A 232 12.08 8.18 13.02
CA GLU A 232 10.66 7.87 12.80
C GLU A 232 10.27 8.10 11.35
N ALA A 233 10.86 9.12 10.71
CA ALA A 233 10.57 9.36 9.31
C ALA A 233 11.09 8.23 8.43
N GLY A 234 12.29 7.74 8.71
CA GLY A 234 12.81 6.61 7.94
C GLY A 234 11.91 5.39 8.03
N SER A 235 11.50 5.03 9.25
CA SER A 235 10.61 3.89 9.42
C SER A 235 9.28 4.11 8.71
N LEU A 236 8.78 5.35 8.75
CA LEU A 236 7.54 5.68 8.06
C LEU A 236 7.66 5.43 6.56
N LEU A 237 8.76 5.88 5.96
CA LEU A 237 8.91 5.76 4.53
C LEU A 237 9.04 4.30 4.11
N VAL A 238 9.73 3.49 4.90
CA VAL A 238 9.83 2.06 4.60
C VAL A 238 8.46 1.40 4.65
N VAL A 239 7.76 1.58 5.76
CA VAL A 239 6.47 0.92 5.96
C VAL A 239 5.44 1.38 4.93
N ALA A 240 5.41 2.69 4.64
CA ALA A 240 4.38 3.21 3.76
C ALA A 240 4.73 3.05 2.28
N GLY A 241 6.01 2.98 1.95
CA GLY A 241 6.45 3.03 0.57
C GLY A 241 6.96 1.73 -0.04
N PHE A 242 7.47 0.81 0.79
CA PHE A 242 8.17 -0.37 0.25
C PHE A 242 7.24 -1.55 -0.01
N PRO A 243 6.54 -2.10 0.99
CA PRO A 243 5.69 -3.27 0.73
C PRO A 243 4.44 -2.94 -0.06
N THR A 244 4.03 -1.68 -0.04
CA THR A 244 2.88 -1.22 -0.83
C THR A 244 3.24 -1.22 -2.31
N SER A 245 4.35 -0.57 -2.67
CA SER A 245 4.75 -0.51 -4.07
C SER A 245 5.07 -1.89 -4.61
N SER A 246 5.81 -2.71 -3.85
CA SER A 246 6.15 -4.04 -4.34
C SER A 246 4.92 -4.93 -4.43
N GLY A 247 4.06 -4.90 -3.41
CA GLY A 247 2.85 -5.70 -3.49
C GLY A 247 1.96 -5.24 -4.64
N PHE A 248 1.78 -3.93 -4.79
CA PHE A 248 0.84 -3.49 -5.82
C PHE A 248 1.37 -3.79 -7.21
N LEU A 249 2.65 -3.54 -7.45
CA LEU A 249 3.21 -3.78 -8.78
C LEU A 249 3.12 -5.26 -9.15
N CYS A 250 3.39 -6.15 -8.18
CA CYS A 250 3.20 -7.59 -8.43
C CYS A 250 1.75 -7.89 -8.78
N GLY A 251 0.82 -7.34 -8.00
CA GLY A 251 -0.58 -7.61 -8.25
C GLY A 251 -1.04 -7.04 -9.58
N ALA A 252 -0.57 -5.85 -9.91
CA ALA A 252 -0.94 -5.24 -11.18
C ALA A 252 -0.45 -6.07 -12.36
N LEU A 253 0.78 -6.60 -12.26
CA LEU A 253 1.28 -7.47 -13.32
C LEU A 253 0.41 -8.71 -13.46
N LEU A 254 -0.02 -9.29 -12.34
CA LEU A 254 -0.91 -10.45 -12.42
C LEU A 254 -2.21 -10.08 -13.11
N THR A 255 -2.80 -8.94 -12.74
CA THR A 255 -4.02 -8.50 -13.41
C THR A 255 -3.82 -8.35 -14.92
N LEU A 256 -2.72 -7.73 -15.33
CA LEU A 256 -2.48 -7.56 -16.76
C LEU A 256 -2.32 -8.90 -17.46
N LEU A 257 -1.58 -9.82 -16.85
CA LEU A 257 -1.35 -11.11 -17.51
C LEU A 257 -2.63 -11.91 -17.60
N ARG A 258 -3.58 -11.67 -16.70
CA ARG A 258 -4.84 -12.37 -16.71
C ARG A 258 -5.85 -11.76 -17.66
N HIS A 259 -5.52 -10.63 -18.29
CA HIS A 259 -6.41 -9.92 -19.21
C HIS A 259 -5.68 -9.57 -20.50
N PRO A 260 -5.33 -10.57 -21.30
CA PRO A 260 -4.62 -10.27 -22.56
C PRO A 260 -5.39 -9.38 -23.52
N ASP A 261 -6.72 -9.46 -23.57
CA ASP A 261 -7.45 -8.58 -24.47
C ASP A 261 -7.23 -7.12 -24.09
N ALA A 262 -7.22 -6.84 -22.79
CA ALA A 262 -6.98 -5.47 -22.33
C ALA A 262 -5.56 -5.03 -22.68
N VAL A 263 -4.60 -5.91 -22.52
CA VAL A 263 -3.21 -5.58 -22.83
C VAL A 263 -3.05 -5.31 -24.33
N GLN A 264 -3.74 -6.09 -25.16
CA GLN A 264 -3.68 -5.89 -26.60
C GLN A 264 -4.22 -4.49 -26.97
N GLU A 265 -5.28 -4.07 -26.30
CA GLU A 265 -5.82 -2.74 -26.51
C GLU A 265 -4.79 -1.68 -26.12
N LEU A 266 -4.09 -1.86 -25.01
CA LEU A 266 -3.08 -0.87 -24.61
C LEU A 266 -1.89 -0.87 -25.56
N HIS A 267 -1.56 -2.03 -26.14
CA HIS A 267 -0.49 -2.08 -27.13
C HIS A 267 -0.84 -1.24 -28.34
N ALA A 268 -2.10 -1.32 -28.77
CA ALA A 268 -2.53 -0.60 -29.97
C ALA A 268 -2.80 0.87 -29.69
N HIS A 269 -3.20 1.21 -28.46
CA HIS A 269 -3.61 2.57 -28.13
C HIS A 269 -2.95 2.98 -26.82
N PRO A 270 -1.67 3.31 -26.85
CA PRO A 270 -0.93 3.59 -25.61
C PRO A 270 -1.45 4.82 -24.85
N GLU A 271 -2.21 5.71 -25.49
CA GLU A 271 -2.76 6.85 -24.78
C GLU A 271 -3.82 6.43 -23.78
N ARG A 272 -4.26 5.17 -23.83
CA ARG A 272 -5.22 4.64 -22.87
C ARG A 272 -4.57 4.09 -21.61
N VAL A 273 -3.23 4.09 -21.54
CA VAL A 273 -2.56 3.55 -20.36
C VAL A 273 -2.94 4.27 -19.07
N PRO A 274 -2.96 5.61 -19.00
CA PRO A 274 -3.36 6.24 -17.73
C PRO A 274 -4.70 5.76 -17.19
N SER A 275 -5.70 5.57 -18.05
CA SER A 275 -6.99 5.04 -17.58
C SER A 275 -6.85 3.61 -17.07
N ALA A 276 -5.97 2.81 -17.69
CA ALA A 276 -5.75 1.46 -17.21
C ALA A 276 -5.11 1.46 -15.83
N VAL A 277 -4.21 2.43 -15.58
CA VAL A 277 -3.60 2.59 -14.26
C VAL A 277 -4.67 2.80 -13.20
N GLU A 278 -5.63 3.68 -13.48
CA GLU A 278 -6.69 3.94 -12.51
C GLU A 278 -7.54 2.70 -12.30
N GLU A 279 -7.82 1.97 -13.37
CA GLU A 279 -8.61 0.74 -13.21
C GLU A 279 -7.83 -0.32 -12.44
N LEU A 280 -6.51 -0.38 -12.62
CA LEU A 280 -5.72 -1.29 -11.81
C LEU A 280 -5.80 -0.94 -10.32
N LEU A 281 -5.76 0.35 -10.00
CA LEU A 281 -5.85 0.78 -8.61
C LEU A 281 -7.20 0.42 -7.99
N ARG A 282 -8.26 0.42 -8.79
CA ARG A 282 -9.56 -0.02 -8.28
C ARG A 282 -9.63 -1.54 -8.18
N TYR A 283 -9.19 -2.24 -9.21
CA TYR A 283 -9.50 -3.65 -9.37
C TYR A 283 -8.54 -4.54 -8.59
N THR A 284 -7.25 -4.19 -8.57
CA THR A 284 -6.22 -5.05 -8.00
C THR A 284 -6.15 -4.87 -6.48
N PRO A 285 -6.39 -5.92 -5.69
CA PRO A 285 -6.42 -5.75 -4.24
C PRO A 285 -5.03 -5.59 -3.67
N LEU A 286 -4.94 -4.86 -2.57
CA LEU A 286 -3.63 -4.68 -1.95
C LEU A 286 -3.63 -5.10 -0.48
N SER A 287 -4.11 -4.22 0.40
CA SER A 287 -4.16 -4.58 1.82
C SER A 287 -5.14 -5.72 2.10
N THR A 288 -4.75 -6.62 3.00
CA THR A 288 -5.63 -7.64 3.54
C THR A 288 -6.34 -7.18 4.82
N GLY A 289 -6.06 -5.96 5.28
CA GLY A 289 -6.84 -5.35 6.34
C GLY A 289 -7.58 -4.12 5.84
N SER A 290 -7.78 -3.17 6.74
CA SER A 290 -8.55 -1.98 6.42
C SER A 290 -7.95 -0.69 6.92
N VAL A 291 -8.38 0.38 6.28
CA VAL A 291 -8.04 1.72 6.74
C VAL A 291 -8.91 1.91 8.01
N LYS A 292 -8.36 2.57 9.03
CA LYS A 292 -9.13 2.73 10.26
C LYS A 292 -9.11 4.13 10.84
N ARG A 293 -10.16 4.45 11.58
CA ARG A 293 -10.32 5.77 12.17
C ARG A 293 -11.01 5.61 13.52
N MET A 294 -10.69 6.50 14.46
CA MET A 294 -11.32 6.48 15.77
C MET A 294 -12.29 7.64 15.90
N ALA A 295 -13.49 7.35 16.39
CA ALA A 295 -14.44 8.42 16.68
C ALA A 295 -13.93 9.23 17.86
N THR A 296 -13.84 10.54 17.69
CA THR A 296 -13.38 11.41 18.78
C THR A 296 -14.54 11.96 19.60
N GLU A 297 -15.77 11.67 19.20
CA GLU A 297 -16.97 12.06 19.92
C GLU A 297 -18.06 11.08 19.49
N ASP A 298 -19.07 10.90 20.34
CA ASP A 298 -20.19 10.06 19.96
C ASP A 298 -20.84 10.62 18.69
N LEU A 299 -21.21 9.72 17.78
CA LEU A 299 -21.78 10.12 16.50
C LEU A 299 -22.61 8.97 15.96
N GLU A 300 -23.32 9.25 14.87
CA GLU A 300 -23.95 8.22 14.04
C GLU A 300 -23.38 8.30 12.63
N ILE A 301 -23.20 7.14 12.02
CA ILE A 301 -22.86 7.04 10.61
C ILE A 301 -23.88 6.08 9.98
N ASP A 302 -24.66 6.60 9.02
CA ASP A 302 -25.73 5.85 8.36
C ASP A 302 -26.67 5.21 9.37
N GLY A 303 -26.96 5.95 10.45
CA GLY A 303 -27.86 5.51 11.48
C GLY A 303 -27.21 4.76 12.63
N VAL A 304 -26.03 4.20 12.43
CA VAL A 304 -25.41 3.37 13.44
C VAL A 304 -24.66 4.26 14.41
N ARG A 305 -24.95 4.12 15.70
CA ARG A 305 -24.32 4.95 16.71
C ARG A 305 -22.95 4.42 17.09
N ILE A 306 -21.95 5.30 17.01
CA ILE A 306 -20.57 4.99 17.35
C ILE A 306 -20.19 5.84 18.54
N LYS A 307 -19.61 5.20 19.55
CA LYS A 307 -19.21 5.95 20.73
C LYS A 307 -17.77 6.43 20.58
N ALA A 308 -17.49 7.56 21.22
CA ALA A 308 -16.13 8.08 21.28
C ALA A 308 -15.18 6.99 21.73
N GLY A 309 -14.05 6.87 21.02
CA GLY A 309 -13.05 5.86 21.32
C GLY A 309 -13.15 4.59 20.51
N GLU A 310 -14.29 4.32 19.88
CA GLU A 310 -14.45 3.13 19.08
C GLU A 310 -13.80 3.33 17.71
N VAL A 311 -13.30 2.23 17.14
CA VAL A 311 -12.56 2.27 15.88
C VAL A 311 -13.42 1.67 14.77
N VAL A 312 -13.54 2.41 13.67
CA VAL A 312 -14.30 1.99 12.50
C VAL A 312 -13.32 1.81 11.36
N MET A 313 -13.39 0.67 10.70
CA MET A 313 -12.50 0.30 9.59
C MET A 313 -13.27 0.35 8.27
N VAL A 314 -12.53 0.67 7.19
CA VAL A 314 -13.04 0.55 5.82
C VAL A 314 -12.09 -0.35 5.04
N SER A 315 -12.64 -1.43 4.46
CA SER A 315 -11.86 -2.25 3.52
C SER A 315 -11.90 -1.58 2.15
N LEU A 316 -10.73 -1.10 1.68
CA LEU A 316 -10.68 -0.45 0.37
C LEU A 316 -11.04 -1.42 -0.74
N GLU A 317 -10.66 -2.68 -0.58
CA GLU A 317 -11.03 -3.73 -1.52
C GLU A 317 -12.54 -3.88 -1.62
N ALA A 318 -13.21 -3.98 -0.46
CA ALA A 318 -14.67 -4.10 -0.47
C ALA A 318 -15.32 -2.92 -1.16
N VAL A 319 -14.87 -1.70 -0.86
CA VAL A 319 -15.47 -0.49 -1.45
C VAL A 319 -15.20 -0.46 -2.95
N ASN A 320 -13.97 -0.81 -3.36
CA ASN A 320 -13.62 -0.78 -4.78
C ASN A 320 -14.37 -1.82 -5.59
N HIS A 321 -14.96 -2.81 -4.93
CA HIS A 321 -15.72 -3.85 -5.61
C HIS A 321 -17.22 -3.74 -5.31
N ASP A 322 -17.68 -2.57 -4.84
CA ASP A 322 -19.08 -2.34 -4.48
C ASP A 322 -19.91 -2.14 -5.74
N PRO A 323 -20.88 -3.02 -6.03
CA PRO A 323 -21.70 -2.85 -7.25
C PRO A 323 -22.61 -1.63 -7.23
N ASP A 324 -22.88 -1.04 -6.05
CA ASP A 324 -23.62 0.22 -5.99
C ASP A 324 -22.81 1.38 -6.54
N ALA A 325 -21.49 1.25 -6.60
CA ALA A 325 -20.60 2.28 -7.13
C ALA A 325 -20.08 1.96 -8.52
N PHE A 326 -19.75 0.70 -8.79
CA PHE A 326 -19.09 0.28 -10.02
C PHE A 326 -19.91 -0.86 -10.62
N GLU A 327 -20.56 -0.60 -11.75
CA GLU A 327 -21.28 -1.67 -12.41
C GLU A 327 -20.30 -2.74 -12.87
N ASP A 328 -20.70 -3.99 -12.73
CA ASP A 328 -19.82 -5.14 -12.96
C ASP A 328 -18.50 -4.94 -12.24
N PRO A 329 -18.52 -4.80 -10.91
CA PRO A 329 -17.31 -4.41 -10.18
C PRO A 329 -16.19 -5.42 -10.24
N ASP A 330 -16.48 -6.68 -10.54
CA ASP A 330 -15.45 -7.71 -10.60
C ASP A 330 -14.90 -7.89 -12.02
N VAL A 331 -15.20 -6.96 -12.92
CA VAL A 331 -14.64 -6.95 -14.27
C VAL A 331 -13.54 -5.90 -14.35
N PHE A 332 -12.39 -6.30 -14.87
CA PHE A 332 -11.30 -5.35 -15.16
C PHE A 332 -11.65 -4.65 -16.47
N ARG A 333 -11.99 -3.36 -16.37
CA ARG A 333 -12.51 -2.60 -17.51
C ARG A 333 -11.76 -1.28 -17.56
N PRO A 334 -10.60 -1.24 -18.22
CA PRO A 334 -9.84 0.02 -18.29
C PRO A 334 -10.63 1.20 -18.83
N GLY A 335 -11.54 1.00 -19.77
CA GLY A 335 -12.31 2.16 -20.20
C GLY A 335 -13.31 2.69 -19.19
N ARG A 336 -13.37 2.10 -18.00
CA ARG A 336 -14.43 2.40 -17.04
C ARG A 336 -14.48 3.88 -16.70
N GLU A 337 -15.70 4.38 -16.55
CA GLU A 337 -15.93 5.77 -16.16
C GLU A 337 -16.80 5.83 -14.92
N GLY A 338 -16.39 5.15 -13.85
CA GLY A 338 -17.12 5.18 -12.61
C GLY A 338 -16.64 6.27 -11.68
N PRO A 339 -17.12 6.27 -10.44
CA PRO A 339 -16.63 7.25 -9.48
C PRO A 339 -15.18 6.95 -9.13
N MET A 340 -14.61 7.88 -8.37
CA MET A 340 -13.22 7.77 -7.95
C MET A 340 -13.02 6.49 -7.16
N HIS A 341 -11.97 5.76 -7.48
CA HIS A 341 -11.66 4.56 -6.71
C HIS A 341 -11.07 4.94 -5.35
N PHE A 342 -10.95 3.91 -4.50
CA PHE A 342 -10.44 4.05 -3.15
C PHE A 342 -9.06 3.44 -2.98
N GLY A 343 -8.33 3.16 -4.07
CA GLY A 343 -7.03 2.51 -3.93
C GLY A 343 -6.00 3.32 -3.15
N PHE A 344 -6.13 4.65 -3.18
CA PHE A 344 -5.29 5.55 -2.41
C PHE A 344 -6.02 6.13 -1.20
N GLY A 345 -7.19 5.60 -0.87
CA GLY A 345 -7.97 6.13 0.22
C GLY A 345 -8.84 7.30 -0.23
N ARG A 346 -9.14 8.19 0.72
CA ARG A 346 -10.05 9.29 0.45
C ARG A 346 -9.97 10.31 1.58
N GLY A 347 -10.12 11.59 1.23
CA GLY A 347 -10.12 12.62 2.23
C GLY A 347 -8.72 13.04 2.66
N ARG A 348 -8.63 13.45 3.93
CA ARG A 348 -7.44 14.12 4.45
C ARG A 348 -6.18 13.26 4.29
N HIS A 349 -6.33 11.95 4.46
CA HIS A 349 -5.17 11.05 4.47
C HIS A 349 -4.93 10.36 3.14
N PHE A 350 -5.54 10.84 2.06
CA PHE A 350 -5.28 10.35 0.71
C PHE A 350 -3.77 10.21 0.50
N CYS A 351 -3.35 9.07 -0.07
CA CYS A 351 -1.94 8.72 -0.16
C CYS A 351 -1.12 9.90 -0.68
N PRO A 352 -0.16 10.41 0.10
CA PRO A 352 0.68 11.51 -0.40
C PRO A 352 1.70 11.04 -1.42
N GLY A 353 1.94 9.73 -1.52
CA GLY A 353 2.75 9.17 -2.59
C GLY A 353 1.98 8.85 -3.85
N ASN A 354 0.73 9.30 -3.98
CA ASN A 354 -0.11 8.80 -5.08
C ASN A 354 0.46 9.15 -6.44
N ARG A 355 1.10 10.31 -6.59
CA ARG A 355 1.59 10.67 -7.92
C ARG A 355 2.81 9.85 -8.30
N LEU A 356 3.69 9.61 -7.33
CA LEU A 356 4.85 8.76 -7.58
C LEU A 356 4.42 7.32 -7.85
N ALA A 357 3.43 6.83 -7.11
CA ALA A 357 2.92 5.49 -7.33
C ALA A 357 2.31 5.37 -8.72
N ARG A 358 1.48 6.34 -9.11
CA ARG A 358 0.90 6.32 -10.45
C ARG A 358 2.01 6.33 -11.50
N CYS A 359 3.10 7.03 -11.23
CA CYS A 359 4.19 7.10 -12.20
C CYS A 359 4.84 5.73 -12.40
N VAL A 360 5.13 5.02 -11.29
CA VAL A 360 5.76 3.70 -11.41
C VAL A 360 4.79 2.67 -11.96
N ILE A 361 3.49 2.77 -11.62
CA ILE A 361 2.51 1.86 -12.22
C ILE A 361 2.41 2.08 -13.73
N GLU A 362 2.34 3.34 -14.15
CA GLU A 362 2.25 3.64 -15.57
C GLU A 362 3.45 3.09 -16.33
N ALA A 363 4.65 3.28 -15.77
CA ALA A 363 5.86 2.78 -16.44
C ALA A 363 5.81 1.25 -16.56
N THR A 364 5.30 0.57 -15.53
CA THR A 364 5.16 -0.88 -15.57
C THR A 364 4.14 -1.30 -16.62
N VAL A 365 2.98 -0.63 -16.66
CA VAL A 365 1.97 -0.96 -17.67
C VAL A 365 2.53 -0.77 -19.08
N ARG A 366 3.21 0.35 -19.34
CA ARG A 366 3.76 0.58 -20.68
C ARG A 366 4.79 -0.47 -21.06
N ALA A 367 5.67 -0.85 -20.12
CA ALA A 367 6.68 -1.86 -20.42
C ALA A 367 6.03 -3.19 -20.81
N VAL A 368 4.89 -3.51 -20.18
CA VAL A 368 4.17 -4.74 -20.53
C VAL A 368 3.46 -4.58 -21.87
N ALA A 369 2.74 -3.48 -22.05
CA ALA A 369 1.92 -3.32 -23.24
C ALA A 369 2.77 -3.22 -24.50
N ARG A 370 4.00 -2.73 -24.37
CA ARG A 370 4.84 -2.63 -25.57
C ARG A 370 5.32 -3.97 -26.10
N ARG A 371 5.18 -5.06 -25.35
CA ARG A 371 5.79 -6.34 -25.71
CA ARG A 371 5.79 -6.34 -25.72
C ARG A 371 4.76 -7.46 -25.79
N PRO A 372 4.13 -7.64 -26.96
CA PRO A 372 3.14 -8.71 -27.09
C PRO A 372 3.76 -10.08 -26.84
N GLY A 373 2.96 -10.97 -26.27
CA GLY A 373 3.32 -12.35 -26.04
C GLY A 373 3.62 -12.71 -24.60
N LEU A 374 3.77 -11.72 -23.71
CA LEU A 374 4.06 -12.02 -22.32
C LEU A 374 2.85 -12.69 -21.68
N ARG A 375 3.07 -13.76 -20.95
CA ARG A 375 1.96 -14.51 -20.36
C ARG A 375 2.41 -15.20 -19.08
N LEU A 376 1.45 -15.45 -18.20
CA LEU A 376 1.73 -16.24 -17.01
C LEU A 376 2.07 -17.67 -17.46
N ALA A 377 3.08 -18.26 -16.83
CA ALA A 377 3.55 -19.59 -17.20
C ALA A 377 2.70 -20.71 -16.62
N VAL A 378 1.88 -20.41 -15.61
CA VAL A 378 1.04 -21.38 -14.93
C VAL A 378 -0.33 -20.74 -14.70
N ALA A 379 -1.29 -21.56 -14.30
CA ALA A 379 -2.61 -21.05 -13.95
C ALA A 379 -2.55 -20.12 -12.74
N PRO A 380 -3.40 -19.10 -12.71
CA PRO A 380 -3.42 -18.17 -11.55
C PRO A 380 -3.50 -18.85 -10.19
N GLU A 381 -4.29 -19.92 -10.07
CA GLU A 381 -4.45 -20.60 -8.78
C GLU A 381 -3.19 -21.31 -8.33
N GLU A 382 -2.21 -21.47 -9.21
CA GLU A 382 -0.93 -22.09 -8.86
C GLU A 382 0.10 -21.06 -8.38
N ILE A 383 -0.23 -19.78 -8.41
CA ILE A 383 0.69 -18.78 -7.87
C ILE A 383 0.73 -18.93 -6.36
N SER A 384 1.92 -18.88 -5.78
CA SER A 384 2.04 -18.96 -4.33
C SER A 384 2.16 -17.56 -3.75
N TRP A 385 1.54 -17.37 -2.58
CA TRP A 385 1.37 -16.06 -1.97
C TRP A 385 2.02 -16.08 -0.60
N HIS A 386 2.65 -14.97 -0.23
CA HIS A 386 3.17 -14.80 1.13
C HIS A 386 1.96 -14.68 2.05
N GLU A 387 1.63 -15.74 2.77
CA GLU A 387 0.44 -15.69 3.60
C GLU A 387 0.68 -14.80 4.81
N GLY A 388 -0.31 -13.96 5.14
CA GLY A 388 -0.29 -13.18 6.34
C GLY A 388 0.21 -11.76 6.20
N LEU A 389 0.74 -11.37 5.04
CA LEU A 389 1.18 -9.98 4.89
C LEU A 389 0.01 -9.02 4.91
N PHE A 390 0.22 -7.85 5.52
CA PHE A 390 -0.73 -6.74 5.37
C PHE A 390 -0.94 -6.40 3.90
N PHE A 391 0.14 -6.38 3.12
CA PHE A 391 0.10 -5.96 1.73
C PHE A 391 0.41 -7.18 0.86
N ARG A 392 -0.63 -7.70 0.20
CA ARG A 392 -0.53 -8.94 -0.57
C ARG A 392 0.67 -8.93 -1.49
N ARG A 393 1.34 -10.07 -1.60
CA ARG A 393 2.42 -10.19 -2.57
C ARG A 393 2.66 -11.66 -2.91
N PRO A 394 2.76 -12.00 -4.19
CA PRO A 394 3.07 -13.39 -4.55
C PRO A 394 4.54 -13.65 -4.32
N ARG A 395 4.85 -14.94 -4.09
CA ARG A 395 6.24 -15.33 -3.89
C ARG A 395 7.06 -15.20 -5.18
N ALA A 396 6.42 -15.42 -6.33
CA ALA A 396 7.06 -15.32 -7.64
C ALA A 396 5.97 -15.13 -8.67
N ILE A 397 6.34 -14.60 -9.83
CA ILE A 397 5.40 -14.47 -10.93
C ILE A 397 6.04 -15.13 -12.15
N PRO A 398 5.90 -16.45 -12.31
CA PRO A 398 6.54 -17.13 -13.45
C PRO A 398 5.82 -16.78 -14.74
N ALA A 399 6.61 -16.36 -15.73
CA ALA A 399 6.07 -15.86 -16.98
C ALA A 399 6.93 -16.38 -18.12
N THR A 400 6.34 -16.39 -19.31
CA THR A 400 7.07 -16.69 -20.53
C THR A 400 6.61 -15.73 -21.62
N TRP A 401 7.30 -15.79 -22.74
CA TRP A 401 6.87 -15.11 -23.94
C TRP A 401 5.92 -16.04 -24.70
#